data_3D32
#
_entry.id   3D32
#
_cell.length_a   129.287
_cell.length_b   35.415
_cell.length_c   58.209
_cell.angle_alpha   90.000
_cell.angle_beta   100.590
_cell.angle_gamma   90.000
#
_symmetry.space_group_name_H-M   'C 1 2 1'
#
loop_
_entity.id
_entity.type
_entity.pdbx_description
1 polymer 'Gamma-aminobutyric acid receptor-associated protein'
2 polymer 'K1 peptide'
3 non-polymer 'SODIUM ION'
4 non-polymer 'CHLORIDE ION'
5 water water
#
loop_
_entity_poly.entity_id
_entity_poly.type
_entity_poly.pdbx_seq_one_letter_code
_entity_poly.pdbx_strand_id
1 'polypeptide(L)'
;GSMKFVYKEEHPFEKRRSEGEKIRKKYPDRVPVIVEKAPKARIGDLDKKKYLVPSDLTVGQFYFLIRKRIHLRAEDALFF
FVNNVIPPTSATMGQLYQEHHEEDFFLYIAYSDESVYGL
;
A,B
2 'polypeptide(L)' DATYTWEHLAWP(NH2) C,D
#
loop_
_chem_comp.id
_chem_comp.type
_chem_comp.name
_chem_comp.formula
CL non-polymer 'CHLORIDE ION' 'Cl -1'
NA non-polymer 'SODIUM ION' 'Na 1'
NH2 non-polymer 'AMINO GROUP' 'H2 N'
#
# COMPACT_ATOMS: atom_id res chain seq x y z
N GLY A 1 -1.50 -5.16 -17.65
CA GLY A 1 -2.10 -6.37 -17.02
C GLY A 1 -1.31 -6.82 -15.81
N SER A 2 -1.87 -6.61 -14.63
CA SER A 2 -1.21 -6.96 -13.36
C SER A 2 -1.22 -8.45 -13.06
N MET A 3 -1.86 -9.22 -13.94
CA MET A 3 -2.14 -10.63 -13.71
C MET A 3 -2.46 -11.27 -15.06
N LYS A 4 -2.57 -12.60 -15.09
CA LYS A 4 -3.34 -13.25 -16.15
C LYS A 4 -4.80 -13.33 -15.68
N PHE A 5 -5.65 -12.44 -16.18
CA PHE A 5 -7.05 -12.40 -15.75
C PHE A 5 -7.87 -13.52 -16.41
N VAL A 6 -8.45 -14.37 -15.57
CA VAL A 6 -9.31 -15.47 -16.03
C VAL A 6 -10.52 -14.90 -16.79
N TYR A 7 -11.00 -13.73 -16.39
CA TYR A 7 -12.12 -13.11 -17.08
C TYR A 7 -11.85 -12.96 -18.57
N LYS A 8 -10.62 -12.59 -18.93
CA LYS A 8 -10.28 -12.39 -20.35
C LYS A 8 -10.19 -13.71 -21.10
N GLU A 9 -9.84 -14.78 -20.40
CA GLU A 9 -9.77 -16.10 -21.02
C GLU A 9 -11.16 -16.61 -21.36
N GLU A 10 -12.14 -16.26 -20.53
CA GLU A 10 -13.48 -16.82 -20.59
C GLU A 10 -14.51 -15.98 -21.34
N HIS A 11 -14.14 -14.77 -21.74
CA HIS A 11 -15.02 -13.90 -22.51
C HIS A 11 -14.25 -13.29 -23.66
N PRO A 12 -14.75 -13.47 -24.89
CA PRO A 12 -14.03 -12.94 -26.05
C PRO A 12 -14.05 -11.41 -26.08
N PHE A 13 -13.00 -10.83 -26.65
CA PHE A 13 -12.81 -9.39 -26.62
C PHE A 13 -14.04 -8.57 -27.04
N GLU A 14 -14.64 -8.91 -28.17
CA GLU A 14 -15.70 -8.05 -28.68
C GLU A 14 -16.95 -8.05 -27.77
N LYS A 15 -17.22 -9.18 -27.13
CA LYS A 15 -18.30 -9.24 -26.15
C LYS A 15 -17.98 -8.32 -24.96
N ARG A 16 -16.74 -8.36 -24.50
CA ARG A 16 -16.31 -7.48 -23.41
C ARG A 16 -16.44 -6.01 -23.80
N ARG A 17 -15.85 -5.66 -24.94
CA ARG A 17 -15.85 -4.28 -25.41
C ARG A 17 -17.27 -3.71 -25.58
N SER A 18 -18.14 -4.48 -26.22
N SER A 18 -18.14 -4.46 -26.26
CA SER A 18 -19.52 -4.06 -26.43
CA SER A 18 -19.54 -4.06 -26.42
C SER A 18 -20.26 -3.83 -25.12
C SER A 18 -20.16 -3.76 -25.06
N GLU A 19 -20.03 -4.70 -24.14
CA GLU A 19 -20.65 -4.59 -22.83
C GLU A 19 -20.08 -3.39 -22.05
N GLY A 20 -18.76 -3.23 -22.04
CA GLY A 20 -18.14 -2.16 -21.28
C GLY A 20 -18.53 -0.80 -21.83
N GLU A 21 -18.56 -0.69 -23.15
CA GLU A 21 -19.00 0.55 -23.78
C GLU A 21 -20.44 0.90 -23.43
N LYS A 22 -21.33 -0.08 -23.57
CA LYS A 22 -22.74 0.11 -23.24
C LYS A 22 -22.92 0.55 -21.78
N ILE A 23 -22.20 -0.11 -20.87
N ILE A 23 -22.19 -0.10 -20.87
CA ILE A 23 -22.35 0.16 -19.45
CA ILE A 23 -22.38 0.17 -19.45
C ILE A 23 -21.85 1.55 -19.06
C ILE A 23 -21.84 1.55 -19.05
N ARG A 24 -20.78 2.00 -19.71
CA ARG A 24 -20.25 3.33 -19.47
C ARG A 24 -21.25 4.41 -19.90
N LYS A 25 -21.97 4.16 -20.98
CA LYS A 25 -22.99 5.11 -21.43
C LYS A 25 -24.20 5.12 -20.51
N LYS A 26 -24.60 3.92 -20.06
CA LYS A 26 -25.81 3.77 -19.24
C LYS A 26 -25.63 4.27 -17.81
N TYR A 27 -24.44 4.06 -17.24
CA TYR A 27 -24.15 4.39 -15.86
C TYR A 27 -22.91 5.29 -15.80
N PRO A 28 -23.07 6.59 -16.16
CA PRO A 28 -21.88 7.45 -16.30
C PRO A 28 -21.14 7.76 -15.00
N ASP A 29 -21.80 7.57 -13.86
CA ASP A 29 -21.15 7.81 -12.57
C ASP A 29 -20.68 6.55 -11.87
N ARG A 30 -20.62 5.46 -12.62
CA ARG A 30 -20.02 4.22 -12.15
C ARG A 30 -19.00 3.77 -13.18
N VAL A 31 -18.11 2.87 -12.78
CA VAL A 31 -17.16 2.32 -13.74
C VAL A 31 -17.14 0.80 -13.63
N PRO A 32 -17.05 0.12 -14.77
CA PRO A 32 -17.02 -1.33 -14.80
C PRO A 32 -15.60 -1.85 -14.54
N VAL A 33 -15.52 -2.76 -13.57
N VAL A 33 -15.50 -2.76 -13.58
CA VAL A 33 -14.26 -3.31 -13.08
CA VAL A 33 -14.21 -3.27 -13.12
C VAL A 33 -14.29 -4.83 -13.07
C VAL A 33 -14.21 -4.79 -12.91
N ILE A 34 -13.14 -5.42 -13.38
CA ILE A 34 -12.89 -6.84 -13.18
C ILE A 34 -11.88 -6.93 -12.03
N VAL A 35 -12.24 -7.67 -10.98
CA VAL A 35 -11.37 -7.82 -9.82
C VAL A 35 -11.08 -9.30 -9.64
N GLU A 36 -9.80 -9.68 -9.66
CA GLU A 36 -9.39 -11.08 -9.50
C GLU A 36 -8.24 -11.17 -8.50
N LYS A 37 -8.22 -12.25 -7.74
CA LYS A 37 -7.15 -12.55 -6.80
C LYS A 37 -5.90 -12.99 -7.55
N ALA A 38 -4.74 -12.46 -7.17
CA ALA A 38 -3.48 -12.97 -7.71
C ALA A 38 -3.45 -14.49 -7.49
N PRO A 39 -2.99 -15.26 -8.50
CA PRO A 39 -3.17 -16.71 -8.47
C PRO A 39 -2.56 -17.44 -7.28
N LYS A 40 -1.42 -16.98 -6.78
CA LYS A 40 -0.73 -17.66 -5.69
C LYS A 40 -0.91 -16.95 -4.35
N ALA A 41 -1.81 -15.97 -4.31
CA ALA A 41 -2.14 -15.31 -3.07
C ALA A 41 -2.97 -16.22 -2.19
N ARG A 42 -2.48 -16.48 -0.99
CA ARG A 42 -3.11 -17.42 -0.08
C ARG A 42 -4.14 -16.70 0.80
N ILE A 43 -5.12 -16.11 0.12
CA ILE A 43 -6.17 -15.33 0.76
C ILE A 43 -7.51 -15.67 0.09
N GLY A 44 -8.60 -15.12 0.64
CA GLY A 44 -9.94 -15.44 0.17
C GLY A 44 -10.13 -15.02 -1.27
N ASP A 45 -10.88 -15.84 -2.01
CA ASP A 45 -11.19 -15.57 -3.41
C ASP A 45 -12.59 -14.95 -3.43
N LEU A 46 -12.81 -13.93 -4.25
CA LEU A 46 -14.15 -13.40 -4.47
C LEU A 46 -14.93 -14.31 -5.41
N ASP A 47 -16.24 -14.41 -5.13
N ASP A 47 -16.23 -14.50 -5.18
CA ASP A 47 -17.23 -15.20 -5.86
CA ASP A 47 -16.96 -15.33 -6.11
C ASP A 47 -17.48 -14.71 -7.29
C ASP A 47 -17.08 -14.63 -7.46
N LYS A 48 -17.55 -13.39 -7.44
CA LYS A 48 -17.77 -12.70 -8.71
C LYS A 48 -16.49 -11.98 -9.13
N LYS A 49 -16.32 -11.83 -10.44
CA LYS A 49 -15.19 -11.09 -10.99
C LYS A 49 -15.61 -9.70 -11.47
N LYS A 50 -16.88 -9.55 -11.87
N LYS A 50 -16.85 -9.57 -11.94
CA LYS A 50 -17.33 -8.37 -12.58
CA LYS A 50 -17.29 -8.34 -12.59
C LYS A 50 -18.23 -7.47 -11.72
C LYS A 50 -18.13 -7.51 -11.62
N TYR A 51 -17.80 -6.23 -11.54
CA TYR A 51 -18.45 -5.27 -10.66
C TYR A 51 -18.71 -3.96 -11.39
N LEU A 52 -19.66 -3.19 -10.89
CA LEU A 52 -19.94 -1.86 -11.40
C LEU A 52 -19.92 -0.94 -10.18
N VAL A 53 -18.88 -0.12 -10.09
CA VAL A 53 -18.59 0.55 -8.81
C VAL A 53 -18.73 2.06 -8.95
N PRO A 54 -19.09 2.74 -7.85
CA PRO A 54 -19.19 4.20 -7.91
C PRO A 54 -17.86 4.80 -8.36
N SER A 55 -17.90 5.78 -9.25
CA SER A 55 -16.68 6.42 -9.73
C SER A 55 -15.95 7.13 -8.61
N ASP A 56 -16.69 7.58 -7.59
CA ASP A 56 -16.08 8.31 -6.47
C ASP A 56 -15.63 7.42 -5.30
N LEU A 57 -15.80 6.10 -5.45
CA LEU A 57 -15.33 5.15 -4.43
C LEU A 57 -13.81 5.17 -4.35
N THR A 58 -13.26 5.32 -3.16
CA THR A 58 -11.80 5.25 -3.01
C THR A 58 -11.31 3.81 -2.86
N VAL A 59 -10.07 3.61 -3.26
CA VAL A 59 -9.38 2.35 -3.02
C VAL A 59 -9.47 1.93 -1.56
N GLY A 60 -9.20 2.85 -0.64
CA GLY A 60 -9.27 2.52 0.78
C GLY A 60 -10.61 1.99 1.25
N GLN A 61 -11.70 2.57 0.73
CA GLN A 61 -13.01 2.05 1.09
C GLN A 61 -13.27 0.71 0.40
N PHE A 62 -12.77 0.53 -0.81
CA PHE A 62 -12.91 -0.77 -1.47
C PHE A 62 -12.18 -1.85 -0.66
N TYR A 63 -10.99 -1.53 -0.16
CA TYR A 63 -10.28 -2.48 0.70
C TYR A 63 -11.15 -2.88 1.88
N PHE A 64 -11.74 -1.90 2.57
CA PHE A 64 -12.60 -2.16 3.71
C PHE A 64 -13.78 -3.06 3.36
N LEU A 65 -14.42 -2.78 2.23
CA LEU A 65 -15.53 -3.60 1.78
C LEU A 65 -15.10 -5.02 1.44
N ILE A 66 -13.94 -5.18 0.80
CA ILE A 66 -13.43 -6.52 0.54
C ILE A 66 -13.12 -7.26 1.84
N ARG A 67 -12.48 -6.59 2.79
CA ARG A 67 -12.21 -7.20 4.09
C ARG A 67 -13.49 -7.74 4.73
N LYS A 68 -14.55 -6.92 4.70
CA LYS A 68 -15.83 -7.30 5.30
C LYS A 68 -16.47 -8.47 4.54
N ARG A 69 -16.34 -8.43 3.21
CA ARG A 69 -16.90 -9.47 2.35
C ARG A 69 -16.26 -10.86 2.50
N ILE A 70 -14.92 -10.91 2.51
CA ILE A 70 -14.18 -12.18 2.55
C ILE A 70 -13.55 -12.46 3.92
N HIS A 71 -13.82 -11.60 4.90
CA HIS A 71 -13.33 -11.78 6.27
C HIS A 71 -11.80 -11.76 6.36
N LEU A 72 -11.18 -10.95 5.50
CA LEU A 72 -9.74 -10.68 5.52
C LEU A 72 -9.50 -9.75 6.69
N ARG A 73 -8.62 -10.16 7.60
CA ARG A 73 -8.42 -9.48 8.88
C ARG A 73 -8.00 -8.02 8.70
N ALA A 74 -8.52 -7.16 9.56
CA ALA A 74 -8.08 -5.77 9.62
C ALA A 74 -6.56 -5.63 9.77
N GLU A 75 -5.93 -6.57 10.47
CA GLU A 75 -4.48 -6.54 10.68
C GLU A 75 -3.64 -7.13 9.56
N ASP A 76 -4.28 -7.76 8.56
CA ASP A 76 -3.52 -8.40 7.48
C ASP A 76 -3.46 -7.46 6.28
N ALA A 77 -2.48 -7.72 5.43
CA ALA A 77 -2.19 -6.89 4.26
C ALA A 77 -3.20 -7.12 3.15
N LEU A 78 -3.50 -6.06 2.41
CA LEU A 78 -4.33 -6.17 1.21
C LEU A 78 -3.93 -5.04 0.27
N PHE A 79 -3.63 -5.41 -0.98
CA PHE A 79 -3.20 -4.45 -1.98
C PHE A 79 -3.96 -4.70 -3.27
N PHE A 80 -4.28 -3.63 -3.97
CA PHE A 80 -4.67 -3.68 -5.37
C PHE A 80 -3.46 -3.46 -6.27
N PHE A 81 -3.53 -4.01 -7.47
CA PHE A 81 -2.52 -3.79 -8.51
C PHE A 81 -3.25 -3.49 -9.79
N VAL A 82 -2.94 -2.33 -10.38
CA VAL A 82 -3.47 -1.96 -11.69
C VAL A 82 -2.24 -1.75 -12.56
N ASN A 83 -2.09 -2.60 -13.59
CA ASN A 83 -0.86 -2.57 -14.40
C ASN A 83 0.37 -2.58 -13.49
N ASN A 84 0.34 -3.48 -12.52
CA ASN A 84 1.45 -3.72 -11.59
C ASN A 84 1.82 -2.57 -10.66
N VAL A 85 0.99 -1.53 -10.60
CA VAL A 85 1.21 -0.43 -9.68
C VAL A 85 0.09 -0.45 -8.64
N ILE A 86 0.48 -0.25 -7.37
CA ILE A 86 -0.48 -0.23 -6.27
C ILE A 86 -1.07 1.17 -6.17
N PRO A 87 -2.40 1.32 -6.39
CA PRO A 87 -2.93 2.68 -6.32
C PRO A 87 -2.97 3.20 -4.88
N PRO A 88 -2.76 4.51 -4.68
CA PRO A 88 -2.95 5.10 -3.34
C PRO A 88 -4.35 4.85 -2.79
N THR A 89 -4.46 4.75 -1.46
CA THR A 89 -5.76 4.48 -0.85
C THR A 89 -6.78 5.59 -1.15
N SER A 90 -6.28 6.80 -1.41
CA SER A 90 -7.14 7.94 -1.69
C SER A 90 -7.58 8.03 -3.16
N ALA A 91 -6.98 7.22 -4.03
CA ALA A 91 -7.38 7.22 -5.43
C ALA A 91 -8.83 6.77 -5.57
N THR A 92 -9.54 7.36 -6.51
CA THR A 92 -10.89 6.89 -6.79
C THR A 92 -10.90 5.90 -7.95
N MET A 93 -11.95 5.10 -7.98
CA MET A 93 -12.13 4.15 -9.08
C MET A 93 -12.28 4.86 -10.41
N GLY A 94 -12.97 5.99 -10.41
CA GLY A 94 -13.13 6.78 -11.63
C GLY A 94 -11.81 7.31 -12.17
N GLN A 95 -10.95 7.79 -11.27
CA GLN A 95 -9.60 8.25 -11.64
C GLN A 95 -8.80 7.11 -12.24
N LEU A 96 -8.81 5.96 -11.58
CA LEU A 96 -8.07 4.80 -12.08
C LEU A 96 -8.62 4.32 -13.42
N TYR A 97 -9.93 4.34 -13.56
CA TYR A 97 -10.56 3.94 -14.82
C TYR A 97 -10.15 4.86 -15.97
N GLN A 98 -10.22 6.16 -15.73
CA GLN A 98 -9.83 7.13 -16.75
C GLN A 98 -8.40 6.91 -17.25
N GLU A 99 -7.49 6.62 -16.32
N GLU A 99 -7.49 6.60 -16.33
CA GLU A 99 -6.07 6.46 -16.66
CA GLU A 99 -6.08 6.48 -16.65
C GLU A 99 -5.75 5.09 -17.24
C GLU A 99 -5.69 5.09 -17.15
N HIS A 100 -6.40 4.06 -16.71
CA HIS A 100 -5.97 2.68 -16.93
C HIS A 100 -6.94 1.70 -17.56
N HIS A 101 -8.14 2.13 -17.90
CA HIS A 101 -9.07 1.17 -18.50
C HIS A 101 -8.46 0.59 -19.78
N GLU A 102 -8.82 -0.67 -20.06
N GLU A 102 -8.81 -0.67 -20.05
CA GLU A 102 -8.36 -1.36 -21.25
CA GLU A 102 -8.31 -1.36 -21.24
C GLU A 102 -9.19 -0.93 -22.46
C GLU A 102 -9.24 -1.07 -22.42
N GLU A 103 -8.82 -1.46 -23.62
CA GLU A 103 -9.59 -1.16 -24.83
C GLU A 103 -10.97 -1.82 -24.88
N ASP A 104 -11.21 -2.78 -23.98
CA ASP A 104 -12.55 -3.36 -23.84
C ASP A 104 -13.45 -2.56 -22.90
N PHE A 105 -13.00 -1.38 -22.49
CA PHE A 105 -13.76 -0.48 -21.61
C PHE A 105 -13.90 -0.99 -20.16
N PHE A 106 -13.16 -2.03 -19.78
CA PHE A 106 -13.09 -2.45 -18.38
C PHE A 106 -11.76 -2.04 -17.72
N LEU A 107 -11.84 -1.74 -16.43
CA LEU A 107 -10.65 -1.58 -15.61
C LEU A 107 -10.36 -2.92 -14.93
N TYR A 108 -9.12 -3.37 -14.96
CA TYR A 108 -8.73 -4.66 -14.40
C TYR A 108 -7.86 -4.47 -13.16
N ILE A 109 -8.29 -5.07 -12.05
CA ILE A 109 -7.63 -4.91 -10.76
C ILE A 109 -7.31 -6.30 -10.21
N ALA A 110 -6.04 -6.55 -9.87
CA ALA A 110 -5.64 -7.75 -9.14
C ALA A 110 -5.53 -7.40 -7.66
N TYR A 111 -5.85 -8.34 -6.79
CA TYR A 111 -5.56 -8.11 -5.37
C TYR A 111 -4.71 -9.22 -4.78
N SER A 112 -3.90 -8.85 -3.79
CA SER A 112 -3.07 -9.82 -3.10
C SER A 112 -2.73 -9.30 -1.72
N ASP A 113 -2.24 -10.20 -0.87
CA ASP A 113 -1.68 -9.79 0.42
C ASP A 113 -0.18 -9.50 0.36
N GLU A 114 0.41 -9.79 -0.79
CA GLU A 114 1.85 -9.67 -0.99
C GLU A 114 2.20 -8.32 -1.57
N SER A 115 2.85 -7.47 -0.78
CA SER A 115 3.22 -6.13 -1.22
C SER A 115 4.07 -6.16 -2.48
N VAL A 116 4.99 -7.11 -2.55
CA VAL A 116 5.92 -7.20 -3.68
C VAL A 116 5.41 -8.04 -4.84
N TYR A 117 4.12 -8.39 -4.84
CA TYR A 117 3.55 -9.14 -5.95
C TYR A 117 3.89 -8.48 -7.30
N GLY A 118 4.29 -9.31 -8.26
CA GLY A 118 4.65 -8.83 -9.60
C GLY A 118 5.87 -7.93 -9.61
N MET B 3 18.06 5.01 22.19
CA MET B 3 17.55 6.26 21.54
C MET B 3 16.11 6.58 21.92
N LYS B 4 15.87 7.86 22.17
CA LYS B 4 14.57 8.37 22.64
C LYS B 4 13.61 8.67 21.48
N PHE B 5 12.42 8.10 21.57
CA PHE B 5 11.35 8.29 20.59
C PHE B 5 10.01 8.52 21.28
N VAL B 6 9.26 9.50 20.82
CA VAL B 6 7.90 9.74 21.31
C VAL B 6 7.04 8.49 21.17
N TYR B 7 7.26 7.73 20.10
CA TYR B 7 6.45 6.54 19.90
C TYR B 7 6.65 5.58 21.07
N LYS B 8 7.89 5.40 21.53
CA LYS B 8 8.14 4.54 22.69
C LYS B 8 7.51 5.12 23.94
N GLU B 9 7.67 6.43 24.12
CA GLU B 9 7.09 7.09 25.30
C GLU B 9 5.59 6.88 25.39
N GLU B 10 4.90 6.88 24.25
CA GLU B 10 3.44 6.89 24.20
C GLU B 10 2.77 5.53 23.97
N HIS B 11 3.54 4.46 23.86
CA HIS B 11 2.96 3.12 23.70
C HIS B 11 3.65 2.19 24.67
N PRO B 12 2.85 1.50 25.51
CA PRO B 12 3.47 0.60 26.47
C PRO B 12 4.23 -0.53 25.78
N PHE B 13 5.35 -0.92 26.37
CA PHE B 13 6.26 -1.89 25.79
C PHE B 13 5.56 -3.18 25.35
N GLU B 14 4.73 -3.76 26.21
CA GLU B 14 4.16 -5.07 25.87
C GLU B 14 3.27 -5.01 24.63
N LYS B 15 2.54 -3.90 24.48
N LYS B 15 2.56 -3.89 24.47
CA LYS B 15 1.74 -3.71 23.28
CA LYS B 15 1.73 -3.64 23.30
C LYS B 15 2.63 -3.67 22.04
C LYS B 15 2.55 -3.52 22.01
N ARG B 16 3.71 -2.91 22.12
CA ARG B 16 4.66 -2.80 21.00
C ARG B 16 5.24 -4.16 20.66
N ARG B 17 5.74 -4.85 21.69
CA ARG B 17 6.41 -6.12 21.52
C ARG B 17 5.49 -7.17 20.91
N SER B 18 4.27 -7.30 21.44
N SER B 18 4.27 -7.28 21.42
CA SER B 18 3.29 -8.26 20.94
CA SER B 18 3.33 -8.29 20.94
C SER B 18 3.07 -8.05 19.45
C SER B 18 2.97 -8.06 19.47
N GLU B 19 2.82 -6.80 19.07
CA GLU B 19 2.54 -6.48 17.68
C GLU B 19 3.75 -6.70 16.78
N GLY B 20 4.90 -6.20 17.21
CA GLY B 20 6.12 -6.36 16.42
C GLY B 20 6.44 -7.82 16.18
N GLU B 21 6.33 -8.65 17.22
CA GLU B 21 6.59 -10.08 17.08
C GLU B 21 5.64 -10.74 16.08
N LYS B 22 4.36 -10.43 16.19
N LYS B 22 4.37 -10.40 16.19
CA LYS B 22 3.37 -11.02 15.28
CA LYS B 22 3.32 -10.95 15.33
C LYS B 22 3.67 -10.66 13.83
C LYS B 22 3.60 -10.64 13.86
N ILE B 23 3.96 -9.40 13.59
CA ILE B 23 4.23 -8.92 12.23
C ILE B 23 5.52 -9.51 11.65
N ARG B 24 6.54 -9.68 12.49
CA ARG B 24 7.77 -10.34 12.07
C ARG B 24 7.53 -11.78 11.65
N LYS B 25 6.64 -12.47 12.35
CA LYS B 25 6.33 -13.85 12.02
C LYS B 25 5.48 -13.92 10.76
N LYS B 26 4.52 -13.00 10.63
CA LYS B 26 3.54 -13.03 9.55
C LYS B 26 4.12 -12.62 8.19
N TYR B 27 4.95 -11.57 8.20
CA TYR B 27 5.51 -10.99 6.98
C TYR B 27 7.02 -10.95 7.11
N PRO B 28 7.68 -12.12 7.09
CA PRO B 28 9.09 -12.18 7.45
C PRO B 28 10.03 -11.48 6.47
N ASP B 29 9.57 -11.15 5.27
CA ASP B 29 10.42 -10.42 4.32
C ASP B 29 10.12 -8.92 4.23
N ARG B 30 9.30 -8.45 5.17
CA ARG B 30 9.08 -7.03 5.34
C ARG B 30 9.60 -6.65 6.72
N VAL B 31 9.90 -5.37 6.90
CA VAL B 31 10.56 -4.88 8.10
C VAL B 31 9.63 -3.89 8.80
N PRO B 32 9.25 -4.15 10.07
CA PRO B 32 8.43 -3.17 10.79
C PRO B 32 9.28 -2.04 11.34
N VAL B 33 8.87 -0.82 11.03
N VAL B 33 8.91 -0.83 10.96
CA VAL B 33 9.69 0.34 11.35
CA VAL B 33 9.69 0.35 11.35
C VAL B 33 8.87 1.54 11.81
C VAL B 33 8.78 1.42 11.94
N ILE B 34 9.37 2.19 12.86
CA ILE B 34 8.80 3.43 13.34
C ILE B 34 9.66 4.57 12.77
N VAL B 35 9.03 5.50 12.07
CA VAL B 35 9.72 6.64 11.45
C VAL B 35 9.16 7.88 12.12
N GLU B 36 10.03 8.62 12.80
CA GLU B 36 9.59 9.75 13.58
C GLU B 36 10.48 10.95 13.30
N LYS B 37 9.89 12.15 13.21
N LYS B 37 9.87 12.13 13.23
CA LYS B 37 10.65 13.36 12.93
CA LYS B 37 10.62 13.36 13.04
C LYS B 37 11.39 13.87 14.18
C LYS B 37 11.48 13.66 14.25
N ALA B 38 12.67 14.20 14.01
CA ALA B 38 13.45 14.83 15.08
C ALA B 38 12.70 16.12 15.48
N PRO B 39 12.61 16.41 16.79
CA PRO B 39 11.76 17.51 17.28
C PRO B 39 11.97 18.89 16.63
N LYS B 40 13.24 19.30 16.50
CA LYS B 40 13.57 20.63 16.00
C LYS B 40 13.63 20.74 14.47
N ALA B 41 13.44 19.61 13.78
CA ALA B 41 13.40 19.64 12.32
C ALA B 41 12.19 20.48 11.87
N ARG B 42 12.41 21.37 10.91
CA ARG B 42 11.33 22.24 10.41
C ARG B 42 10.65 21.61 9.20
N ILE B 43 11.06 20.37 8.96
CA ILE B 43 10.59 19.50 7.89
C ILE B 43 9.15 19.07 8.16
N GLY B 44 8.41 18.75 7.10
CA GLY B 44 7.03 18.32 7.23
C GLY B 44 6.87 17.03 8.01
N ASP B 45 5.72 16.93 8.69
CA ASP B 45 5.29 15.71 9.35
C ASP B 45 4.77 14.71 8.34
N LEU B 46 4.99 13.44 8.62
CA LEU B 46 4.28 12.37 7.94
C LEU B 46 3.03 12.03 8.75
N ASP B 47 1.96 11.62 8.05
CA ASP B 47 0.70 11.24 8.70
C ASP B 47 0.91 10.09 9.68
N LYS B 48 1.69 9.10 9.26
N LYS B 48 1.70 9.10 9.27
CA LYS B 48 1.90 7.85 9.99
CA LYS B 48 1.88 7.89 10.06
C LYS B 48 3.33 7.74 10.53
C LYS B 48 3.32 7.74 10.53
N LYS B 49 3.50 7.02 11.63
CA LYS B 49 4.84 6.64 12.11
C LYS B 49 5.16 5.18 11.84
N LYS B 50 4.16 4.33 11.75
CA LYS B 50 4.39 2.89 11.68
C LYS B 50 4.27 2.43 10.23
N TYR B 51 5.32 1.81 9.73
CA TYR B 51 5.38 1.31 8.35
C TYR B 51 5.86 -0.13 8.34
N LEU B 52 5.49 -0.85 7.29
CA LEU B 52 5.99 -2.21 7.09
C LEU B 52 6.59 -2.19 5.69
N VAL B 53 7.91 -2.31 5.62
CA VAL B 53 8.64 -1.95 4.41
C VAL B 53 9.42 -3.12 3.82
N PRO B 54 9.71 -3.08 2.51
CA PRO B 54 10.46 -4.22 1.95
C PRO B 54 11.85 -4.35 2.57
N SER B 55 12.28 -5.58 2.83
N SER B 55 12.27 -5.59 2.82
CA SER B 55 13.60 -5.77 3.43
CA SER B 55 13.59 -5.82 3.41
C SER B 55 14.71 -5.25 2.53
C SER B 55 14.71 -5.26 2.54
N ASP B 56 14.52 -5.30 1.22
CA ASP B 56 15.55 -4.84 0.29
C ASP B 56 15.49 -3.36 -0.07
N LEU B 57 14.53 -2.62 0.48
CA LEU B 57 14.44 -1.18 0.22
C LEU B 57 15.66 -0.46 0.79
N THR B 58 16.30 0.39 -0.02
CA THR B 58 17.45 1.14 0.46
C THR B 58 17.03 2.45 1.11
N VAL B 59 17.90 2.95 1.98
CA VAL B 59 17.72 4.26 2.59
C VAL B 59 17.53 5.33 1.51
N GLY B 60 18.34 5.31 0.46
CA GLY B 60 18.22 6.30 -0.59
C GLY B 60 16.87 6.29 -1.29
N GLN B 61 16.31 5.11 -1.53
CA GLN B 61 14.98 5.09 -2.13
C GLN B 61 13.92 5.54 -1.12
N PHE B 62 14.08 5.19 0.14
CA PHE B 62 13.16 5.66 1.17
C PHE B 62 13.20 7.19 1.23
N TYR B 63 14.39 7.79 1.16
CA TYR B 63 14.49 9.25 1.09
C TYR B 63 13.65 9.82 -0.06
N PHE B 64 13.85 9.24 -1.24
CA PHE B 64 13.09 9.66 -2.41
C PHE B 64 11.57 9.58 -2.20
N LEU B 65 11.11 8.48 -1.63
CA LEU B 65 9.69 8.28 -1.38
C LEU B 65 9.13 9.30 -0.38
N ILE B 66 9.90 9.60 0.66
CA ILE B 66 9.50 10.62 1.61
C ILE B 66 9.45 12.01 0.97
N ARG B 67 10.47 12.34 0.18
N ARG B 67 10.46 12.33 0.16
CA ARG B 67 10.46 13.61 -0.51
CA ARG B 67 10.48 13.61 -0.53
C ARG B 67 9.18 13.77 -1.32
C ARG B 67 9.28 13.82 -1.45
N LYS B 68 8.81 12.73 -2.07
CA LYS B 68 7.63 12.76 -2.92
C LYS B 68 6.35 12.91 -2.07
N ARG B 69 6.26 12.06 -1.04
CA ARG B 69 5.07 12.02 -0.20
C ARG B 69 4.72 13.37 0.41
N ILE B 70 5.74 14.08 0.88
CA ILE B 70 5.52 15.35 1.57
C ILE B 70 5.99 16.56 0.76
N HIS B 71 6.23 16.35 -0.53
CA HIS B 71 6.44 17.43 -1.49
C HIS B 71 7.64 18.28 -1.07
N LEU B 72 8.73 17.61 -0.73
CA LEU B 72 9.95 18.27 -0.30
C LEU B 72 10.66 18.71 -1.57
N ARG B 73 11.17 19.93 -1.54
CA ARG B 73 11.93 20.47 -2.68
C ARG B 73 13.19 19.65 -2.90
N ALA B 74 13.55 19.50 -4.17
CA ALA B 74 14.72 18.71 -4.57
C ALA B 74 15.97 19.14 -3.82
N GLU B 75 16.74 18.15 -3.39
CA GLU B 75 17.97 18.35 -2.62
C GLU B 75 17.89 19.40 -1.51
N ASP B 76 16.66 19.72 -1.08
CA ASP B 76 16.45 20.15 0.30
C ASP B 76 16.82 18.94 1.14
N ALA B 77 17.35 19.18 2.33
CA ALA B 77 17.98 18.14 3.10
C ALA B 77 17.02 17.12 3.72
N LEU B 78 17.43 15.85 3.72
CA LEU B 78 16.70 14.81 4.44
C LEU B 78 17.67 13.72 4.88
N PHE B 79 17.67 13.43 6.18
CA PHE B 79 18.54 12.41 6.75
C PHE B 79 17.77 11.47 7.65
N PHE B 80 18.18 10.20 7.67
CA PHE B 80 17.77 9.24 8.67
C PHE B 80 18.83 9.10 9.76
N PHE B 81 18.38 8.75 10.97
CA PHE B 81 19.28 8.33 12.05
C PHE B 81 18.75 7.02 12.63
N VAL B 82 19.63 6.04 12.73
CA VAL B 82 19.34 4.79 13.42
C VAL B 82 20.42 4.68 14.50
N ASN B 83 19.98 4.58 15.75
CA ASN B 83 20.88 4.67 16.90
C ASN B 83 21.94 5.76 16.75
N ASN B 84 21.44 6.93 16.39
CA ASN B 84 22.23 8.16 16.29
C ASN B 84 23.31 8.17 15.22
N VAL B 85 23.19 7.27 14.25
CA VAL B 85 24.12 7.23 13.12
C VAL B 85 23.30 7.40 11.85
N ILE B 86 23.76 8.23 10.94
CA ILE B 86 23.16 8.33 9.61
C ILE B 86 23.64 7.15 8.76
N PRO B 87 22.73 6.24 8.38
CA PRO B 87 23.15 5.12 7.56
C PRO B 87 23.49 5.58 6.14
N PRO B 88 24.36 4.84 5.42
CA PRO B 88 24.60 5.21 4.02
C PRO B 88 23.32 5.00 3.19
N THR B 89 23.21 5.74 2.09
CA THR B 89 22.04 5.56 1.23
C THR B 89 21.88 4.15 0.68
N SER B 90 22.99 3.41 0.57
N SER B 90 22.98 3.41 0.58
CA SER B 90 22.94 2.05 0.04
CA SER B 90 22.94 2.05 0.04
C SER B 90 22.42 1.02 1.04
C SER B 90 22.54 0.99 1.06
N ALA B 91 22.34 1.38 2.32
CA ALA B 91 21.94 0.43 3.36
C ALA B 91 20.49 0.00 3.12
N THR B 92 20.18 -1.27 3.33
CA THR B 92 18.81 -1.74 3.21
C THR B 92 18.10 -1.77 4.56
N MET B 93 16.77 -1.72 4.50
CA MET B 93 15.97 -1.82 5.70
C MET B 93 16.19 -3.13 6.44
N GLY B 94 16.34 -4.22 5.69
CA GLY B 94 16.66 -5.52 6.28
C GLY B 94 17.97 -5.53 7.06
N GLN B 95 19.00 -4.94 6.48
CA GLN B 95 20.30 -4.85 7.14
C GLN B 95 20.19 -4.05 8.43
N LEU B 96 19.55 -2.88 8.34
CA LEU B 96 19.37 -2.04 9.51
C LEU B 96 18.54 -2.72 10.60
N TYR B 97 17.51 -3.43 10.17
CA TYR B 97 16.68 -4.15 11.14
C TYR B 97 17.50 -5.20 11.87
N GLN B 98 18.25 -5.99 11.11
CA GLN B 98 19.05 -7.07 11.71
C GLN B 98 19.97 -6.51 12.78
N GLU B 99 20.62 -5.40 12.45
CA GLU B 99 21.64 -4.81 13.31
C GLU B 99 21.05 -4.05 14.50
N HIS B 100 19.92 -3.39 14.27
CA HIS B 100 19.48 -2.35 15.21
C HIS B 100 18.07 -2.51 15.76
N HIS B 101 17.34 -3.56 15.39
CA HIS B 101 15.99 -3.67 15.94
C HIS B 101 16.03 -3.72 17.46
N GLU B 102 15.00 -3.16 18.08
N GLU B 102 14.98 -3.20 18.08
CA GLU B 102 14.81 -3.14 19.52
CA GLU B 102 14.88 -3.20 19.53
C GLU B 102 14.16 -4.43 20.04
C GLU B 102 14.13 -4.43 20.03
N GLU B 103 14.06 -4.56 21.35
CA GLU B 103 13.45 -5.75 21.98
C GLU B 103 11.95 -5.82 21.77
N ASP B 104 11.35 -4.75 21.26
CA ASP B 104 9.94 -4.79 20.89
C ASP B 104 9.72 -5.22 19.43
N PHE B 105 10.79 -5.67 18.78
CA PHE B 105 10.78 -6.19 17.41
C PHE B 105 10.63 -5.10 16.34
N PHE B 106 10.67 -3.82 16.72
CA PHE B 106 10.67 -2.73 15.74
C PHE B 106 12.04 -2.14 15.50
N LEU B 107 12.27 -1.65 14.28
CA LEU B 107 13.37 -0.74 13.98
C LEU B 107 12.90 0.71 14.12
N TYR B 108 13.71 1.55 14.74
CA TYR B 108 13.37 2.96 14.93
C TYR B 108 14.28 3.87 14.11
N ILE B 109 13.64 4.73 13.33
CA ILE B 109 14.33 5.66 12.43
C ILE B 109 13.85 7.07 12.73
N ALA B 110 14.77 7.96 13.06
CA ALA B 110 14.46 9.39 13.14
C ALA B 110 14.80 10.04 11.80
N TYR B 111 14.03 11.04 11.39
CA TYR B 111 14.38 11.80 10.20
C TYR B 111 14.46 13.29 10.51
N SER B 112 15.32 13.98 9.77
CA SER B 112 15.53 15.39 10.03
C SER B 112 16.00 16.10 8.77
N ASP B 113 15.97 17.43 8.82
CA ASP B 113 16.56 18.27 7.78
C ASP B 113 18.00 18.68 8.10
N GLU B 114 18.55 18.19 9.22
CA GLU B 114 19.91 18.49 9.65
C GLU B 114 20.66 17.18 9.92
N SER B 115 21.99 17.19 9.75
CA SER B 115 22.78 15.96 9.87
C SER B 115 23.18 15.64 11.30
N VAL B 116 22.80 16.50 12.24
CA VAL B 116 23.00 16.23 13.65
C VAL B 116 21.64 16.18 14.31
N TYR B 117 21.43 15.06 15.01
CA TYR B 117 20.19 14.71 15.66
C TYR B 117 20.07 15.68 16.82
N GLY B 118 19.45 16.82 16.54
CA GLY B 118 19.35 17.93 17.49
C GLY B 118 19.59 19.27 16.81
N ASP C 1 -14.96 10.18 0.45
CA ASP C 1 -16.04 9.48 -0.31
C ASP C 1 -17.22 9.17 0.58
N ALA C 2 -18.40 9.17 -0.03
CA ALA C 2 -19.63 8.77 0.62
C ALA C 2 -19.51 7.32 1.09
N THR C 3 -20.39 6.94 2.01
CA THR C 3 -20.45 5.56 2.51
C THR C 3 -21.08 4.66 1.45
N TYR C 4 -20.39 3.56 1.15
CA TYR C 4 -20.94 2.56 0.24
C TYR C 4 -20.92 1.19 0.90
N THR C 5 -21.77 0.30 0.40
CA THR C 5 -21.82 -1.09 0.82
C THR C 5 -21.46 -1.99 -0.36
N TRP C 6 -21.26 -3.27 -0.05
CA TRP C 6 -20.98 -4.27 -1.08
C TRP C 6 -22.01 -4.19 -2.21
N GLU C 7 -23.26 -3.96 -1.83
CA GLU C 7 -24.35 -3.95 -2.80
C GLU C 7 -24.27 -2.80 -3.80
N HIS C 8 -23.54 -1.72 -3.45
CA HIS C 8 -23.31 -0.61 -4.38
C HIS C 8 -22.31 -0.97 -5.48
N LEU C 9 -21.70 -2.15 -5.39
CA LEU C 9 -20.68 -2.58 -6.34
C LEU C 9 -21.24 -3.59 -7.35
N ALA C 10 -22.51 -3.95 -7.20
CA ALA C 10 -23.13 -5.00 -8.00
C ALA C 10 -23.20 -4.70 -9.49
N TRP C 11 -22.83 -5.69 -10.29
CA TRP C 11 -23.18 -5.64 -11.70
C TRP C 11 -24.70 -5.56 -11.87
N PRO C 12 -25.18 -4.61 -12.69
CA PRO C 12 -26.64 -4.38 -12.74
C PRO C 12 -27.35 -5.28 -13.74
N NH2 C 13 -27.19 -6.57 -13.49
N ASP D 1 18.14 -2.11 -5.39
CA ASP D 1 16.74 -2.42 -4.98
C ASP D 1 15.76 -2.20 -6.13
N ALA D 2 14.72 -3.04 -6.14
CA ALA D 2 13.58 -2.89 -7.04
C ALA D 2 12.90 -1.53 -6.81
N THR D 3 12.05 -1.16 -7.76
CA THR D 3 11.23 0.04 -7.66
C THR D 3 10.12 -0.22 -6.65
N TYR D 4 10.03 0.67 -5.67
CA TYR D 4 8.91 0.67 -4.73
C TYR D 4 8.25 2.03 -4.73
N THR D 5 7.00 2.06 -4.32
CA THR D 5 6.28 3.31 -4.12
C THR D 5 5.82 3.40 -2.68
N TRP D 6 5.25 4.55 -2.31
CA TRP D 6 4.77 4.78 -0.97
C TRP D 6 3.79 3.68 -0.54
N GLU D 7 2.98 3.22 -1.49
CA GLU D 7 1.97 2.20 -1.23
C GLU D 7 2.52 0.82 -0.80
N HIS D 8 3.81 0.57 -1.05
CA HIS D 8 4.44 -0.67 -0.60
C HIS D 8 4.77 -0.61 0.89
N LEU D 9 4.64 0.57 1.51
CA LEU D 9 5.09 0.76 2.89
C LEU D 9 3.98 0.60 3.94
N ALA D 10 2.76 0.29 3.48
CA ALA D 10 1.59 0.35 4.34
C ALA D 10 1.63 -0.62 5.50
N TRP D 11 1.39 -0.12 6.71
CA TRP D 11 1.16 -1.01 7.84
C TRP D 11 -0.08 -1.86 7.54
N PRO D 12 -0.03 -3.18 7.79
CA PRO D 12 -1.16 -4.04 7.43
C PRO D 12 -2.34 -3.86 8.38
N NH2 D 13 -3.51 -4.23 7.88
NA NA E . -13.18 -16.49 -7.74
CL CL F . -7.18 7.21 2.11
CL CL G . -17.36 -13.17 -2.50
CL CL H . -18.67 -12.39 -12.44
CL CL I . -24.60 5.94 -12.75
CL CL J . 22.75 4.53 -2.85
CL CL K . 2.13 11.63 4.99
CL CL L . 0.97 5.27 12.61
CL CL M . 3.66 8.25 18.68
#